data_5T54
#
_entry.id   5T54
#
_cell.length_a   78.829
_cell.length_b   44.820
_cell.length_c   65.771
_cell.angle_alpha   90.000
_cell.angle_beta   100.050
_cell.angle_gamma   90.000
#
_symmetry.space_group_name_H-M   'P 1 21 1'
#
loop_
_entity.id
_entity.type
_entity.pdbx_description
1 polymer Lectin
2 branched alpha-L-fucopyranose-(1-2)-[2-acetamido-2-deoxy-alpha-D-galactopyranose-(1-3)]alpha-D-galactopyranose
3 non-polymer 'CALCIUM ION'
4 non-polymer 1,2-ETHANEDIOL
5 water water
#
_entity_poly.entity_id   1
_entity_poly.type   'polypeptide(L)'
_entity_poly.pdbx_seq_one_letter_code
;SELSFNYPNFQSVEDITFQGGASPRNETLQLTPTDSNGIPIRQRAGHAVYSQPFQLRDTSFYTTFTFVIRTTSNSPADGF
AIFIAPPDFPVKRYGGYLGLFEPNTATNTSANKVVAVEFDTWVNTEWKEPRYRHIGIDVNSIVSVRVTRWQDKDVFSRSI
ATAHVGYDGISKILTAFVTYPDGGNYVLSHVVDLAEIFPGDVRIGFSGATGQYETQYIHSWSFSSTSTNLLRDGARHHHH
HH
;
_entity_poly.pdbx_strand_id   A,B
#
# COMPACT_ATOMS: atom_id res chain seq x y z
N SER A 1 -9.05 18.20 0.39
CA SER A 1 -9.05 18.89 -0.96
C SER A 1 -8.20 18.07 -1.99
N GLU A 2 -8.28 18.47 -3.26
CA GLU A 2 -7.55 17.83 -4.35
C GLU A 2 -6.17 18.48 -4.65
N LEU A 3 -5.13 17.66 -4.66
CA LEU A 3 -3.77 18.15 -4.84
C LEU A 3 -3.05 16.98 -5.49
N SER A 4 -2.23 17.25 -6.51
CA SER A 4 -1.28 16.19 -6.96
C SER A 4 0.00 16.78 -7.38
N PHE A 5 1.09 16.01 -7.20
CA PHE A 5 2.38 16.44 -7.62
C PHE A 5 3.24 15.21 -7.92
N ASN A 6 4.33 15.40 -8.66
CA ASN A 6 5.18 14.28 -9.09
C ASN A 6 6.63 14.74 -9.35
N TYR A 7 7.54 14.29 -8.49
CA TYR A 7 8.94 14.56 -8.62
C TYR A 7 9.71 13.26 -8.88
N PRO A 8 10.01 12.90 -10.14
CA PRO A 8 10.78 11.73 -10.46
C PRO A 8 12.20 11.81 -9.95
N ASN A 9 12.71 13.08 -9.87
CA ASN A 9 13.98 13.46 -9.21
C ASN A 9 13.77 14.90 -8.71
N PHE A 10 14.84 15.45 -8.08
CA PHE A 10 14.77 16.80 -7.50
C PHE A 10 15.74 17.74 -8.18
N GLN A 11 15.90 17.56 -9.51
CA GLN A 11 16.51 18.64 -10.31
C GLN A 11 15.72 19.92 -10.27
N SER A 12 14.40 19.82 -10.11
CA SER A 12 13.57 20.92 -9.70
C SER A 12 13.05 20.77 -8.32
N VAL A 13 13.10 21.85 -7.56
CA VAL A 13 12.47 21.89 -6.22
C VAL A 13 11.57 23.10 -6.14
N GLU A 14 10.95 23.42 -7.28
CA GLU A 14 10.07 24.58 -7.34
C GLU A 14 9.15 24.70 -6.17
N ASP A 15 8.48 23.61 -5.81
CA ASP A 15 7.48 23.71 -4.76
C ASP A 15 7.93 23.02 -3.44
N ILE A 16 9.24 22.86 -3.21
CA ILE A 16 9.71 22.20 -2.01
C ILE A 16 10.33 23.31 -1.10
N THR A 17 9.96 23.28 0.17
CA THR A 17 10.49 24.21 1.16
C THR A 17 11.44 23.44 2.03
N PHE A 18 12.67 23.97 2.18
CA PHE A 18 13.69 23.39 3.06
C PHE A 18 13.82 24.21 4.34
N GLN A 19 13.83 23.51 5.47
CA GLN A 19 14.02 24.11 6.79
C GLN A 19 15.11 23.39 7.59
N GLY A 20 15.67 24.13 8.53
CA GLY A 20 16.69 23.51 9.42
C GLY A 20 17.85 23.02 8.56
N GLY A 21 18.30 21.82 8.84
CA GLY A 21 19.49 21.25 8.20
C GLY A 21 19.29 20.52 6.86
N ALA A 22 18.09 20.56 6.31
CA ALA A 22 17.76 19.90 5.02
C ALA A 22 18.17 20.84 3.85
N SER A 23 18.53 20.24 2.73
CA SER A 23 18.88 21.01 1.54
C SER A 23 18.76 20.09 0.27
N PRO A 24 18.64 20.74 -0.90
CA PRO A 24 18.68 19.95 -2.11
C PRO A 24 20.14 19.62 -2.49
N ARG A 25 20.46 18.36 -2.71
CA ARG A 25 21.83 17.94 -3.04
C ARG A 25 21.79 16.74 -3.96
N ASN A 26 22.58 16.81 -5.03
CA ASN A 26 22.72 15.72 -6.02
C ASN A 26 21.40 15.11 -6.46
N GLU A 27 20.48 15.99 -6.88
CA GLU A 27 19.13 15.66 -7.38
C GLU A 27 18.19 14.97 -6.30
N THR A 28 18.51 15.06 -5.01
CA THR A 28 17.73 14.48 -3.90
C THR A 28 17.35 15.53 -2.89
N LEU A 29 16.46 15.13 -1.95
CA LEU A 29 16.24 15.87 -0.73
C LEU A 29 17.22 15.31 0.30
N GLN A 30 18.19 16.10 0.78
CA GLN A 30 19.13 15.61 1.82
C GLN A 30 18.62 16.20 3.12
N LEU A 31 18.16 15.31 4.05
CA LEU A 31 17.36 15.78 5.16
C LEU A 31 18.21 16.31 6.29
N THR A 32 19.43 15.83 6.41
CA THR A 32 20.33 16.33 7.43
C THR A 32 21.67 16.69 6.78
N PRO A 33 22.45 17.54 7.44
CA PRO A 33 23.60 18.09 6.66
C PRO A 33 24.87 17.26 6.81
N THR A 34 25.76 17.47 5.86
CA THR A 34 27.13 16.90 5.93
C THR A 34 28.14 18.06 5.84
N ASP A 35 29.29 17.85 6.44
CA ASP A 35 30.35 18.87 6.33
C ASP A 35 31.12 18.76 5.00
N SER A 36 32.18 19.58 4.80
CA SER A 36 32.88 19.63 3.47
C SER A 36 33.58 18.37 3.05
N ASN A 37 33.82 17.48 4.02
CA ASN A 37 34.30 16.11 3.77
C ASN A 37 33.26 15.02 3.72
N GLY A 38 31.96 15.42 3.67
CA GLY A 38 30.89 14.50 3.46
C GLY A 38 30.56 13.76 4.75
N ILE A 39 31.06 14.24 5.88
CA ILE A 39 30.77 13.60 7.17
C ILE A 39 29.43 14.12 7.76
N PRO A 40 28.51 13.22 8.09
CA PRO A 40 27.26 13.74 8.71
C PRO A 40 27.48 14.57 9.94
N ILE A 41 26.80 15.67 10.01
CA ILE A 41 26.89 16.54 11.15
C ILE A 41 25.99 16.08 12.30
N ARG A 42 26.53 16.00 13.51
CA ARG A 42 25.80 15.52 14.65
C ARG A 42 24.75 16.50 15.17
N GLN A 43 23.69 15.95 15.79
CA GLN A 43 22.67 16.77 16.47
C GLN A 43 22.10 17.88 15.53
N ARG A 44 21.58 17.46 14.38
CA ARG A 44 20.90 18.31 13.47
C ARG A 44 19.60 17.69 13.03
N ALA A 45 18.62 18.52 12.79
CA ALA A 45 17.39 18.07 12.13
C ALA A 45 17.01 18.94 10.99
N GLY A 46 16.24 18.39 10.02
CA GLY A 46 15.75 19.17 8.94
C GLY A 46 14.49 18.67 8.34
N HIS A 47 13.78 19.60 7.65
CA HIS A 47 12.54 19.29 6.97
C HIS A 47 12.58 19.70 5.52
N ALA A 48 11.99 18.85 4.67
CA ALA A 48 11.76 19.22 3.25
C ALA A 48 10.30 18.94 3.02
N VAL A 49 9.57 19.96 2.68
CA VAL A 49 8.11 19.81 2.66
C VAL A 49 7.51 20.36 1.38
N TYR A 50 6.40 19.79 0.95
CA TYR A 50 5.71 20.33 -0.22
C TYR A 50 5.05 21.66 0.22
N SER A 51 5.32 22.74 -0.56
CA SER A 51 5.05 24.05 0.03
C SER A 51 3.59 24.44 0.15
N GLN A 52 2.71 23.82 -0.62
CA GLN A 52 1.30 24.23 -0.65
C GLN A 52 0.48 23.44 0.41
N PRO A 53 -0.30 24.16 1.24
CA PRO A 53 -1.22 23.50 2.14
C PRO A 53 -2.38 22.84 1.42
N PHE A 54 -2.88 21.82 2.04
CA PHE A 54 -4.10 21.13 1.60
C PHE A 54 -4.95 20.81 2.77
N GLN A 55 -6.18 20.36 2.52
CA GLN A 55 -7.09 20.02 3.57
C GLN A 55 -7.39 18.53 3.55
N LEU A 56 -7.70 18.02 4.75
CA LEU A 56 -8.02 16.56 4.93
C LEU A 56 -9.48 16.22 5.08
N ARG A 57 -10.30 17.22 5.13
CA ARG A 57 -11.77 17.00 5.24
C ARG A 57 -12.24 16.21 4.03
N ASP A 58 -12.94 15.10 4.27
CA ASP A 58 -13.54 14.30 3.18
C ASP A 58 -12.54 13.96 2.05
N THR A 59 -11.37 13.49 2.47
CA THR A 59 -10.24 13.28 1.55
C THR A 59 -9.55 11.93 1.79
N SER A 60 -9.18 11.25 0.70
CA SER A 60 -8.22 10.16 0.69
C SER A 60 -6.99 10.62 -0.03
N PHE A 61 -5.87 10.01 0.32
CA PHE A 61 -4.66 10.29 -0.42
C PHE A 61 -3.76 9.07 -0.63
N TYR A 62 -2.91 9.16 -1.67
CA TYR A 62 -1.89 8.15 -1.94
C TYR A 62 -0.58 8.84 -2.20
N THR A 63 0.50 8.42 -1.54
CA THR A 63 1.79 9.05 -1.83
C THR A 63 2.82 7.94 -1.88
N THR A 64 3.85 8.13 -2.67
CA THR A 64 4.93 7.15 -2.80
C THR A 64 6.24 7.89 -3.01
N PHE A 65 7.28 7.39 -2.35
CA PHE A 65 8.62 8.00 -2.42
C PHE A 65 9.68 6.95 -2.37
N THR A 66 10.86 7.26 -2.89
CA THR A 66 11.98 6.37 -2.80
C THR A 66 13.04 7.08 -1.94
N PHE A 67 13.81 6.30 -1.23
CA PHE A 67 14.74 6.80 -0.25
C PHE A 67 15.96 5.91 -0.08
N VAL A 68 17.05 6.54 0.39
CA VAL A 68 18.29 5.89 0.70
C VAL A 68 18.70 6.37 2.07
N ILE A 69 19.21 5.44 2.89
CA ILE A 69 19.89 5.84 4.14
C ILE A 69 21.36 5.45 3.98
N ARG A 70 22.23 6.43 4.11
CA ARG A 70 23.67 6.18 3.95
C ARG A 70 24.29 6.16 5.36
N THR A 71 24.84 5.02 5.79
CA THR A 71 25.42 4.93 7.17
C THR A 71 26.92 4.70 7.02
N THR A 72 27.71 5.21 7.97
CA THR A 72 29.12 5.03 7.95
C THR A 72 29.53 4.28 9.20
N SER A 73 28.57 3.74 9.95
CA SER A 73 28.83 3.04 11.20
C SER A 73 27.84 1.94 11.40
N ASN A 74 28.13 1.01 12.33
CA ASN A 74 27.18 0.00 12.79
C ASN A 74 26.20 0.57 13.77
N SER A 75 26.37 1.83 14.18
CA SER A 75 25.49 2.49 15.15
C SER A 75 25.02 3.81 14.66
N PRO A 76 24.26 3.81 13.53
CA PRO A 76 23.72 5.08 12.95
C PRO A 76 22.59 5.64 13.82
N ALA A 77 22.33 6.93 13.74
CA ALA A 77 21.19 7.57 14.39
C ALA A 77 20.83 8.79 13.62
N ASP A 78 19.55 9.18 13.51
CA ASP A 78 18.38 8.63 14.24
C ASP A 78 17.27 8.12 13.33
N GLY A 79 17.29 8.45 12.03
CA GLY A 79 16.23 8.03 11.11
C GLY A 79 15.56 9.23 10.47
N PHE A 80 14.40 9.00 9.90
CA PHE A 80 13.61 10.03 9.26
C PHE A 80 12.13 9.65 9.30
N ALA A 81 11.27 10.58 8.90
CA ALA A 81 9.83 10.25 8.82
C ALA A 81 9.23 11.05 7.66
N ILE A 82 8.10 10.54 7.15
CA ILE A 82 7.19 11.35 6.39
C ILE A 82 6.07 11.74 7.36
N PHE A 83 5.75 13.00 7.34
CA PHE A 83 4.79 13.58 8.31
C PHE A 83 3.75 14.51 7.71
N ILE A 84 2.68 14.73 8.48
CA ILE A 84 1.66 15.70 8.23
C ILE A 84 1.46 16.54 9.49
N ALA A 85 1.38 17.88 9.30
CA ALA A 85 1.22 18.79 10.42
C ALA A 85 0.73 20.10 9.86
N PRO A 86 0.36 21.05 10.73
CA PRO A 86 -0.02 22.37 10.20
C PRO A 86 1.02 23.06 9.42
N PRO A 87 0.64 24.01 8.54
CA PRO A 87 1.62 24.59 7.66
C PRO A 87 2.73 25.35 8.36
N ASP A 88 2.55 25.79 9.59
CA ASP A 88 3.60 26.51 10.32
C ASP A 88 4.34 25.61 11.29
N PHE A 89 4.24 24.31 11.08
CA PHE A 89 5.01 23.39 11.92
C PHE A 89 6.48 23.56 11.61
N PRO A 90 7.30 23.84 12.68
CA PRO A 90 8.72 24.07 12.48
C PRO A 90 9.56 22.82 12.64
N VAL A 91 10.85 22.93 12.26
CA VAL A 91 11.81 21.86 12.59
C VAL A 91 12.00 21.84 14.14
N LYS A 92 11.74 20.68 14.75
CA LYS A 92 11.88 20.52 16.19
C LYS A 92 13.19 19.78 16.54
N ARG A 93 13.27 19.12 17.70
CA ARG A 93 14.56 18.68 18.21
C ARG A 93 15.19 17.58 17.40
N TYR A 94 16.50 17.68 17.29
CA TYR A 94 17.38 16.63 16.69
C TYR A 94 17.46 15.40 17.60
N GLY A 95 18.28 14.42 17.23
CA GLY A 95 18.35 13.16 17.97
C GLY A 95 17.09 12.34 17.77
N GLY A 96 16.73 11.60 18.80
CA GLY A 96 15.64 10.62 18.74
C GLY A 96 14.27 11.26 18.52
N TYR A 97 14.16 12.55 18.76
CA TYR A 97 12.92 13.28 18.50
C TYR A 97 12.62 13.39 16.99
N LEU A 98 13.57 13.05 16.09
CA LEU A 98 13.37 12.99 14.62
C LEU A 98 12.92 14.28 14.01
N GLY A 99 13.23 15.44 14.63
CA GLY A 99 12.81 16.72 14.06
C GLY A 99 11.32 17.06 14.21
N LEU A 100 10.63 16.24 14.98
CA LEU A 100 9.14 16.29 15.08
C LEU A 100 8.58 16.63 16.46
N PHE A 101 9.40 16.47 17.52
CA PHE A 101 8.95 16.66 18.90
C PHE A 101 10.07 17.40 19.70
N GLU A 102 9.70 17.80 20.92
CA GLU A 102 10.69 18.27 21.83
C GLU A 102 10.64 17.54 23.18
N PRO A 103 11.78 17.58 23.90
CA PRO A 103 11.85 16.68 25.06
C PRO A 103 10.74 16.79 26.09
N ASN A 104 10.26 17.99 26.33
CA ASN A 104 9.32 18.12 27.44
C ASN A 104 7.87 17.74 27.20
N THR A 105 7.57 17.42 25.93
CA THR A 105 6.22 17.07 25.52
C THR A 105 6.17 15.94 24.53
N ALA A 106 7.31 15.29 24.29
CA ALA A 106 7.38 14.27 23.27
C ALA A 106 6.41 13.06 23.32
N THR A 107 6.03 12.68 24.53
CA THR A 107 5.12 11.54 24.72
C THR A 107 3.72 12.01 25.15
N ASN A 108 3.48 13.33 25.16
CA ASN A 108 2.22 13.94 25.57
C ASN A 108 1.31 14.15 24.33
N THR A 109 0.36 13.23 24.11
CA THR A 109 -0.52 13.37 22.94
C THR A 109 -1.35 14.65 22.91
N SER A 110 -1.71 15.22 24.07
CA SER A 110 -2.52 16.47 24.07
C SER A 110 -1.66 17.72 23.72
N ALA A 111 -0.34 17.58 23.65
CA ALA A 111 0.55 18.72 23.44
C ALA A 111 1.12 18.76 21.99
N ASN A 112 0.78 17.79 21.11
CA ASN A 112 1.35 17.72 19.73
C ASN A 112 0.20 17.54 18.73
N LYS A 113 0.41 18.02 17.52
CA LYS A 113 -0.47 17.75 16.40
C LYS A 113 0.40 17.45 15.21
N VAL A 114 0.74 16.18 15.07
CA VAL A 114 1.62 15.71 13.99
C VAL A 114 1.36 14.20 13.84
N VAL A 115 1.23 13.73 12.61
CA VAL A 115 1.09 12.33 12.31
C VAL A 115 2.26 11.98 11.38
N ALA A 116 2.88 10.83 11.60
CA ALA A 116 4.06 10.41 10.79
C ALA A 116 4.20 8.88 10.63
N VAL A 117 4.94 8.52 9.59
CA VAL A 117 5.50 7.20 9.35
C VAL A 117 6.99 7.35 9.54
N GLU A 118 7.49 6.76 10.64
CA GLU A 118 8.91 6.86 10.97
C GLU A 118 9.73 5.64 10.58
N PHE A 119 10.98 5.90 10.29
CA PHE A 119 12.01 4.92 9.94
C PHE A 119 13.12 5.13 10.96
N ASP A 120 13.15 4.30 12.01
CA ASP A 120 13.89 4.62 13.25
C ASP A 120 15.13 3.72 13.34
N THR A 121 16.34 4.33 13.21
CA THR A 121 17.58 3.62 13.16
C THR A 121 18.27 3.49 14.51
N TRP A 122 17.79 4.19 15.53
CA TRP A 122 18.49 4.21 16.84
C TRP A 122 17.50 3.86 17.92
N VAL A 123 17.73 2.76 18.63
CA VAL A 123 16.93 2.40 19.75
C VAL A 123 17.13 3.38 20.98
N ASN A 124 16.07 4.13 21.30
CA ASN A 124 16.05 5.02 22.42
C ASN A 124 15.45 4.38 23.66
N THR A 125 16.09 4.63 24.80
CA THR A 125 15.59 4.21 26.07
C THR A 125 14.98 5.34 26.89
N GLU A 126 15.06 6.57 26.38
CA GLU A 126 14.48 7.72 27.01
C GLU A 126 12.93 7.75 26.98
N TRP A 127 12.32 6.95 26.14
CA TRP A 127 10.86 6.71 26.08
C TRP A 127 10.72 5.27 25.59
N LYS A 128 9.50 4.77 25.62
CA LYS A 128 9.20 3.39 25.26
C LYS A 128 9.30 3.22 23.74
N GLU A 129 10.16 2.36 23.27
CA GLU A 129 10.10 1.88 21.86
C GLU A 129 10.79 0.54 21.79
N PRO A 130 10.62 -0.17 20.68
CA PRO A 130 11.18 -1.54 20.64
C PRO A 130 12.68 -1.58 20.77
N ARG A 131 13.14 -2.75 21.19
CA ARG A 131 14.54 -2.99 21.39
C ARG A 131 15.33 -3.28 20.13
N TYR A 132 14.74 -3.11 18.93
CA TYR A 132 15.42 -3.26 17.65
C TYR A 132 15.00 -2.04 16.79
N ARG A 133 15.69 -1.81 15.69
CA ARG A 133 15.33 -0.79 14.66
C ARG A 133 13.94 -1.13 14.14
N HIS A 134 13.18 -0.10 13.76
CA HIS A 134 11.76 -0.27 13.58
C HIS A 134 11.21 0.79 12.68
N ILE A 135 10.08 0.45 12.06
CA ILE A 135 9.20 1.38 11.31
C ILE A 135 7.92 1.50 12.11
N GLY A 136 7.43 2.71 12.28
CA GLY A 136 6.22 2.98 13.02
C GLY A 136 5.34 4.03 12.45
N ILE A 137 4.12 4.05 12.96
CA ILE A 137 3.12 5.11 12.73
C ILE A 137 2.99 5.85 14.11
N ASP A 138 3.19 7.18 14.03
CA ASP A 138 3.21 8.15 15.20
C ASP A 138 2.01 9.02 15.10
N VAL A 139 1.21 9.06 16.17
CA VAL A 139 0.11 10.00 16.28
C VAL A 139 0.31 10.85 17.57
N ASN A 140 0.81 12.09 17.36
CA ASN A 140 0.93 13.07 18.40
C ASN A 140 1.91 12.65 19.52
N SER A 141 2.82 11.74 19.22
CA SER A 141 3.75 11.25 20.19
C SER A 141 4.92 10.55 19.44
N ILE A 142 6.10 10.59 20.09
CA ILE A 142 7.26 9.85 19.65
C ILE A 142 7.15 8.34 19.99
N VAL A 143 6.25 7.96 20.83
CA VAL A 143 5.94 6.54 21.17
C VAL A 143 4.90 6.12 20.12
N SER A 144 5.33 5.27 19.21
CA SER A 144 4.54 4.87 18.02
C SER A 144 3.29 4.08 18.47
N VAL A 145 2.16 4.33 17.79
CA VAL A 145 0.92 3.61 18.08
C VAL A 145 0.87 2.23 17.42
N ARG A 146 1.68 2.04 16.39
CA ARG A 146 1.83 0.76 15.67
C ARG A 146 3.30 0.75 15.24
N VAL A 147 3.96 -0.35 15.50
CA VAL A 147 5.39 -0.43 15.27
C VAL A 147 5.81 -1.83 14.90
N THR A 148 6.76 -1.95 13.97
CA THR A 148 7.24 -3.24 13.53
C THR A 148 8.77 -3.27 13.32
N ARG A 149 9.35 -4.46 13.44
CA ARG A 149 10.80 -4.63 13.28
C ARG A 149 11.23 -4.29 11.87
N TRP A 150 12.30 -3.46 11.74
CA TRP A 150 12.95 -3.15 10.51
C TRP A 150 14.25 -3.93 10.49
N GLN A 151 14.36 -4.86 9.53
CA GLN A 151 15.49 -5.80 9.55
C GLN A 151 16.77 -5.08 9.19
N ASP A 152 17.83 -5.37 9.95
CA ASP A 152 19.13 -4.71 9.69
C ASP A 152 19.65 -4.91 8.28
N LYS A 153 19.37 -6.03 7.64
CA LYS A 153 19.87 -6.29 6.32
C LYS A 153 19.25 -5.24 5.37
N ASP A 154 18.03 -4.78 5.72
CA ASP A 154 17.44 -3.74 4.91
C ASP A 154 17.97 -2.33 5.34
N VAL A 155 18.05 -2.09 6.63
CA VAL A 155 18.53 -0.80 7.13
C VAL A 155 19.85 -0.46 6.45
N PHE A 156 20.72 -1.43 6.43
CA PHE A 156 22.10 -1.24 5.94
C PHE A 156 22.37 -1.57 4.47
N SER A 157 21.31 -1.78 3.68
CA SER A 157 21.43 -2.32 2.30
C SER A 157 22.04 -1.29 1.33
N ARG A 158 21.96 -0.01 1.65
CA ARG A 158 22.30 1.11 0.74
C ARG A 158 21.42 1.04 -0.52
N SER A 159 20.30 0.29 -0.49
CA SER A 159 19.41 0.22 -1.61
C SER A 159 18.50 1.42 -1.67
N ILE A 160 18.00 1.71 -2.89
CA ILE A 160 16.92 2.66 -3.04
C ILE A 160 15.62 1.90 -2.72
N ALA A 161 15.04 2.21 -1.56
CA ALA A 161 13.86 1.55 -1.01
C ALA A 161 12.65 2.40 -1.41
N THR A 162 11.47 1.75 -1.41
CA THR A 162 10.24 2.44 -1.73
C THR A 162 9.28 2.40 -0.60
N ALA A 163 8.61 3.49 -0.37
CA ALA A 163 7.45 3.58 0.53
C ALA A 163 6.21 3.96 -0.20
N HIS A 164 5.09 3.39 0.24
CA HIS A 164 3.75 3.75 -0.19
C HIS A 164 2.97 4.08 1.04
N VAL A 165 2.38 5.25 1.07
CA VAL A 165 1.57 5.68 2.24
C VAL A 165 0.23 6.12 1.74
N GLY A 166 -0.84 5.54 2.29
CA GLY A 166 -2.17 5.86 1.83
C GLY A 166 -3.07 6.16 2.99
N TYR A 167 -4.09 6.96 2.74
CA TYR A 167 -5.12 7.22 3.78
C TYR A 167 -6.50 7.11 3.12
N ASP A 168 -7.27 6.19 3.68
CA ASP A 168 -8.65 5.99 3.32
C ASP A 168 -9.56 6.85 4.21
N GLY A 169 -10.07 7.89 3.62
CA GLY A 169 -10.92 8.89 4.31
C GLY A 169 -12.27 8.40 4.70
N ILE A 170 -12.74 7.28 4.10
CA ILE A 170 -13.99 6.65 4.51
C ILE A 170 -13.79 5.80 5.73
N SER A 171 -12.86 4.87 5.71
CA SER A 171 -12.63 4.04 6.85
C SER A 171 -11.77 4.65 7.95
N LYS A 172 -11.16 5.81 7.65
CA LYS A 172 -10.18 6.45 8.56
C LYS A 172 -9.02 5.62 8.91
N ILE A 173 -8.28 5.14 7.90
CA ILE A 173 -7.16 4.20 8.08
C ILE A 173 -5.96 4.70 7.30
N LEU A 174 -4.83 4.82 8.04
CA LEU A 174 -3.52 5.19 7.47
C LEU A 174 -2.71 3.92 7.33
N THR A 175 -2.12 3.71 6.16
CA THR A 175 -1.36 2.50 5.90
C THR A 175 -0.06 2.83 5.26
N ALA A 176 1.02 2.16 5.67
CA ALA A 176 2.27 2.18 4.95
C ALA A 176 2.71 0.77 4.49
N PHE A 177 3.16 0.67 3.22
CA PHE A 177 3.86 -0.47 2.69
C PHE A 177 5.24 0.00 2.30
N VAL A 178 6.22 -0.68 2.84
CA VAL A 178 7.63 -0.33 2.52
C VAL A 178 8.28 -1.56 1.87
N THR A 179 8.97 -1.36 0.77
CA THR A 179 9.59 -2.49 0.07
C THR A 179 11.07 -2.22 -0.24
N TYR A 180 11.85 -3.31 -0.25
CA TYR A 180 13.26 -3.26 -0.59
C TYR A 180 13.48 -4.17 -1.73
N PRO A 181 14.30 -3.75 -2.70
CA PRO A 181 14.58 -4.63 -3.85
C PRO A 181 15.31 -5.86 -3.44
N ASP A 182 14.75 -7.03 -3.78
CA ASP A 182 15.29 -8.26 -3.23
C ASP A 182 15.49 -8.32 -1.70
N GLY A 183 14.64 -7.59 -0.96
CA GLY A 183 14.75 -7.45 0.47
C GLY A 183 13.36 -7.60 1.11
N GLY A 184 13.24 -7.08 2.31
CA GLY A 184 12.03 -7.19 3.05
C GLY A 184 10.91 -6.32 2.61
N ASN A 185 9.69 -6.69 3.06
CA ASN A 185 8.49 -5.90 2.82
C ASN A 185 7.86 -5.72 4.14
N TYR A 186 7.29 -4.54 4.33
CA TYR A 186 6.74 -4.12 5.58
C TYR A 186 5.34 -3.56 5.42
N VAL A 187 4.42 -3.94 6.32
CA VAL A 187 3.03 -3.49 6.29
C VAL A 187 2.56 -3.00 7.67
N LEU A 188 2.13 -1.73 7.78
CA LEU A 188 1.56 -1.16 9.02
C LEU A 188 0.32 -0.37 8.73
N SER A 189 -0.74 -0.52 9.54
CA SER A 189 -1.97 0.24 9.38
C SER A 189 -2.49 0.64 10.73
N HIS A 190 -3.17 1.74 10.75
CA HIS A 190 -3.75 2.25 11.99
C HIS A 190 -5.01 3.09 11.68
N VAL A 191 -6.03 2.86 12.52
CA VAL A 191 -7.28 3.63 12.49
C VAL A 191 -7.07 4.99 13.19
N VAL A 192 -7.13 6.05 12.42
CA VAL A 192 -6.93 7.40 12.97
C VAL A 192 -7.71 8.38 12.09
N ASP A 193 -8.55 9.25 12.70
CA ASP A 193 -9.36 10.16 11.94
C ASP A 193 -8.53 11.41 11.75
N LEU A 194 -7.86 11.52 10.63
CA LEU A 194 -6.96 12.66 10.43
C LEU A 194 -7.70 14.02 10.34
N ALA A 195 -8.88 14.01 9.78
CA ALA A 195 -9.67 15.25 9.69
C ALA A 195 -10.08 15.76 11.08
N GLU A 196 -10.28 14.88 12.05
CA GLU A 196 -10.51 15.27 13.48
C GLU A 196 -9.27 15.94 14.07
N ILE A 197 -8.07 15.39 13.80
CA ILE A 197 -6.86 15.96 14.33
C ILE A 197 -6.53 17.27 13.64
N PHE A 198 -6.76 17.35 12.33
CA PHE A 198 -6.42 18.49 11.45
C PHE A 198 -7.67 19.07 10.78
N PRO A 199 -8.45 19.86 11.52
CA PRO A 199 -9.63 20.42 10.90
C PRO A 199 -9.33 21.57 9.90
N GLY A 200 -8.12 22.10 9.88
CA GLY A 200 -7.79 23.16 8.91
C GLY A 200 -6.81 22.70 7.84
N ASP A 201 -5.82 23.51 7.61
CA ASP A 201 -4.84 23.16 6.56
C ASP A 201 -3.67 22.35 7.12
N VAL A 202 -3.04 21.55 6.24
CA VAL A 202 -1.84 20.84 6.58
C VAL A 202 -0.84 20.95 5.45
N ARG A 203 0.43 20.63 5.77
CA ARG A 203 1.45 20.33 4.78
C ARG A 203 2.02 18.98 5.05
N ILE A 204 2.46 18.31 3.96
CA ILE A 204 3.13 17.02 3.99
C ILE A 204 4.57 17.15 3.62
N GLY A 205 5.41 16.44 4.34
CA GLY A 205 6.84 16.40 3.96
C GLY A 205 7.65 15.45 4.81
N PHE A 206 8.96 15.68 4.81
CA PHE A 206 9.93 14.75 5.42
C PHE A 206 10.73 15.42 6.48
N SER A 207 11.02 14.71 7.55
CA SER A 207 11.89 15.20 8.62
C SER A 207 12.95 14.15 8.86
N GLY A 208 14.20 14.61 8.92
CA GLY A 208 15.34 13.74 9.23
C GLY A 208 16.10 14.28 10.45
N ALA A 209 16.74 13.38 11.20
CA ALA A 209 17.60 13.81 12.31
C ALA A 209 18.82 12.98 12.58
N THR A 210 19.86 13.65 13.02
CA THR A 210 21.00 13.03 13.65
C THR A 210 21.09 13.46 15.11
N GLY A 211 21.88 12.79 15.98
CA GLY A 211 22.47 11.49 15.70
C GLY A 211 23.90 11.50 15.25
N GLN A 212 24.23 10.50 14.49
CA GLN A 212 25.59 10.27 14.09
C GLN A 212 25.67 9.29 12.89
N TYR A 213 26.65 9.51 11.99
CA TYR A 213 27.05 8.54 11.00
C TYR A 213 25.91 8.09 10.06
N GLU A 214 25.00 9.01 9.79
CA GLU A 214 23.81 8.72 8.98
C GLU A 214 23.36 9.96 8.24
N THR A 215 23.08 9.79 6.95
CA THR A 215 22.42 10.80 6.10
C THR A 215 21.21 10.13 5.38
N GLN A 216 20.09 10.85 5.32
CA GLN A 216 18.81 10.34 4.80
C GLN A 216 18.46 11.14 3.54
N TYR A 217 18.23 10.43 2.44
CA TYR A 217 17.95 11.06 1.17
C TYR A 217 16.64 10.60 0.56
N ILE A 218 15.89 11.54 -0.01
CA ILE A 218 14.67 11.26 -0.76
C ILE A 218 14.97 11.45 -2.23
N HIS A 219 14.80 10.40 -3.01
CA HIS A 219 15.20 10.41 -4.42
C HIS A 219 14.02 10.72 -5.34
N SER A 220 12.79 10.44 -4.94
CA SER A 220 11.62 10.69 -5.81
C SER A 220 10.42 10.77 -4.89
N TRP A 221 9.34 11.38 -5.35
CA TRP A 221 8.11 11.53 -4.54
C TRP A 221 6.94 11.98 -5.40
N SER A 222 5.82 11.27 -5.27
CA SER A 222 4.57 11.72 -5.88
C SER A 222 3.42 11.59 -4.88
N PHE A 223 2.33 12.29 -5.18
CA PHE A 223 1.19 12.40 -4.27
C PHE A 223 -0.04 12.66 -5.07
N SER A 224 -1.16 12.10 -4.64
CA SER A 224 -2.45 12.55 -5.15
C SER A 224 -3.44 12.47 -4.03
N SER A 225 -4.37 13.42 -3.98
CA SER A 225 -5.48 13.39 -2.99
C SER A 225 -6.76 13.61 -3.73
N THR A 226 -7.85 13.01 -3.22
CA THR A 226 -9.16 13.04 -3.89
C THR A 226 -10.26 13.18 -2.84
N SER A 227 -11.35 13.84 -3.22
CA SER A 227 -12.50 13.95 -2.36
C SER A 227 -13.24 12.62 -2.26
N THR A 228 -13.74 12.31 -1.06
CA THR A 228 -14.48 11.07 -0.85
C THR A 228 -15.97 11.33 -1.07
N ASN A 229 -16.35 12.56 -1.38
CA ASN A 229 -17.80 12.81 -1.72
C ASN A 229 -18.18 12.18 -3.02
N SER B 1 1.88 -17.95 8.84
CA SER B 1 3.16 -18.61 8.53
C SER B 1 3.87 -17.80 7.47
N GLU B 2 5.11 -18.21 7.22
CA GLU B 2 6.02 -17.53 6.30
C GLU B 2 6.11 -18.19 4.91
N LEU B 3 5.87 -17.40 3.84
CA LEU B 3 5.90 -17.86 2.46
C LEU B 3 6.31 -16.69 1.61
N SER B 4 7.14 -16.91 0.61
CA SER B 4 7.36 -15.84 -0.37
C SER B 4 7.52 -16.43 -1.76
N PHE B 5 7.07 -15.70 -2.76
CA PHE B 5 7.23 -16.07 -4.12
C PHE B 5 7.27 -14.82 -5.01
N ASN B 6 7.81 -15.02 -6.19
CA ASN B 6 8.07 -13.96 -7.13
C ASN B 6 8.03 -14.39 -8.62
N TYR B 7 7.06 -13.88 -9.33
CA TYR B 7 6.98 -14.03 -10.77
C TYR B 7 7.15 -12.67 -11.43
N PRO B 8 8.34 -12.40 -11.97
CA PRO B 8 8.52 -11.12 -12.66
C PRO B 8 7.72 -11.08 -13.95
N ASN B 9 7.47 -12.26 -14.52
CA ASN B 9 6.51 -12.49 -15.59
C ASN B 9 6.14 -13.94 -15.46
N PHE B 10 5.30 -14.44 -16.34
CA PHE B 10 4.81 -15.83 -16.30
C PHE B 10 5.35 -16.66 -17.49
N GLN B 11 6.64 -16.43 -17.80
CA GLN B 11 7.43 -17.39 -18.60
C GLN B 11 7.36 -18.81 -18.03
N SER B 12 7.47 -18.89 -16.71
CA SER B 12 7.28 -20.13 -15.94
C SER B 12 5.94 -19.95 -15.18
N VAL B 13 5.15 -21.00 -15.14
CA VAL B 13 3.94 -21.03 -14.29
C VAL B 13 4.01 -22.20 -13.32
N GLU B 14 5.25 -22.62 -13.00
CA GLU B 14 5.36 -23.60 -11.91
C GLU B 14 4.70 -23.05 -10.67
N ASP B 15 4.05 -23.93 -9.89
CA ASP B 15 3.28 -23.58 -8.64
C ASP B 15 2.13 -22.63 -8.86
N ILE B 16 1.64 -22.51 -10.09
CA ILE B 16 0.32 -21.89 -10.32
C ILE B 16 -0.66 -23.04 -10.65
N THR B 17 -1.76 -23.13 -9.90
CA THR B 17 -2.83 -24.10 -10.15
C THR B 17 -3.93 -23.39 -10.95
N PHE B 18 -4.19 -23.90 -12.15
CA PHE B 18 -5.21 -23.34 -13.04
C PHE B 18 -6.49 -24.16 -12.91
N GLN B 19 -7.62 -23.48 -12.79
CA GLN B 19 -8.90 -24.14 -12.81
C GLN B 19 -9.90 -23.41 -13.70
N GLY B 20 -10.97 -24.08 -14.07
CA GLY B 20 -11.90 -23.41 -14.94
C GLY B 20 -11.29 -23.07 -16.27
N GLY B 21 -11.57 -21.87 -16.73
CA GLY B 21 -11.10 -21.30 -17.99
C GLY B 21 -9.81 -20.51 -18.05
N ALA B 22 -9.06 -20.55 -16.95
CA ALA B 22 -7.84 -19.80 -16.79
C ALA B 22 -6.69 -20.63 -17.41
N SER B 23 -5.77 -19.95 -18.03
CA SER B 23 -4.56 -20.63 -18.63
C SER B 23 -3.41 -19.72 -18.73
N PRO B 24 -2.20 -20.31 -18.95
CA PRO B 24 -1.08 -19.50 -19.28
C PRO B 24 -1.21 -19.08 -20.73
N ARG B 25 -0.89 -17.83 -21.02
CA ARG B 25 -0.97 -17.31 -22.38
C ARG B 25 0.01 -16.18 -22.55
N ASN B 26 1.01 -16.43 -23.43
CA ASN B 26 1.94 -15.35 -23.77
C ASN B 26 2.60 -14.73 -22.54
N GLU B 27 3.08 -15.61 -21.65
CA GLU B 27 3.83 -15.17 -20.50
C GLU B 27 3.01 -14.32 -19.48
N THR B 28 1.70 -14.50 -19.55
CA THR B 28 0.75 -13.93 -18.63
C THR B 28 -0.18 -15.03 -18.12
N LEU B 29 -0.94 -14.69 -17.07
CA LEU B 29 -2.07 -15.48 -16.62
C LEU B 29 -3.28 -14.91 -17.28
N GLN B 30 -3.94 -15.77 -18.07
CA GLN B 30 -5.17 -15.34 -18.75
C GLN B 30 -6.34 -15.88 -17.98
N LEU B 31 -7.23 -15.06 -17.40
CA LEU B 31 -8.12 -15.63 -16.42
C LEU B 31 -9.41 -16.22 -16.96
N THR B 32 -9.85 -15.73 -18.10
CA THR B 32 -10.95 -16.28 -18.83
C THR B 32 -10.56 -16.58 -20.31
N PRO B 33 -11.29 -17.54 -20.93
CA PRO B 33 -10.72 -18.10 -22.17
C PRO B 33 -11.20 -17.34 -23.38
N THR B 34 -10.44 -17.54 -24.44
CA THR B 34 -10.74 -16.93 -25.71
C THR B 34 -10.74 -18.07 -26.73
N ASP B 35 -11.46 -17.90 -27.81
CA ASP B 35 -11.45 -18.90 -28.88
C ASP B 35 -10.24 -18.78 -29.75
N SER B 36 -10.06 -19.69 -30.73
CA SER B 36 -8.75 -19.70 -31.45
C SER B 36 -8.51 -18.42 -32.33
N ASN B 37 -9.59 -17.64 -32.58
CA ASN B 37 -9.58 -16.28 -33.11
C ASN B 37 -9.41 -15.17 -32.04
N GLY B 38 -9.22 -15.55 -30.76
CA GLY B 38 -8.92 -14.56 -29.72
C GLY B 38 -10.18 -13.83 -29.21
N ILE B 39 -11.38 -14.24 -29.57
CA ILE B 39 -12.62 -13.58 -29.07
C ILE B 39 -12.97 -14.10 -27.67
N PRO B 40 -13.27 -13.20 -26.72
CA PRO B 40 -13.67 -13.64 -25.34
C PRO B 40 -14.90 -14.51 -25.35
N ILE B 41 -14.81 -15.64 -24.67
CA ILE B 41 -15.96 -16.55 -24.61
C ILE B 41 -16.85 -16.13 -23.42
N ARG B 42 -18.15 -16.00 -23.71
CA ARG B 42 -19.14 -15.53 -22.74
C ARG B 42 -19.42 -16.58 -21.68
N GLN B 43 -19.84 -16.11 -20.46
CA GLN B 43 -20.22 -17.00 -19.34
C GLN B 43 -19.14 -18.05 -19.01
N ARG B 44 -17.94 -17.54 -18.63
CA ARG B 44 -16.88 -18.44 -18.25
C ARG B 44 -16.19 -17.88 -17.02
N ALA B 45 -15.69 -18.76 -16.16
CA ALA B 45 -14.89 -18.31 -15.00
C ALA B 45 -13.59 -19.09 -14.97
N GLY B 46 -12.55 -18.52 -14.34
CA GLY B 46 -11.28 -19.17 -14.26
C GLY B 46 -10.55 -18.73 -13.05
N HIS B 47 -9.76 -19.65 -12.46
CA HIS B 47 -8.88 -19.34 -11.30
C HIS B 47 -7.42 -19.63 -11.69
N ALA B 48 -6.54 -18.84 -11.11
CA ALA B 48 -5.09 -19.13 -11.16
C ALA B 48 -4.56 -18.83 -9.78
N VAL B 49 -4.20 -19.90 -9.11
CA VAL B 49 -3.94 -19.93 -7.64
C VAL B 49 -2.53 -20.39 -7.32
N TYR B 50 -1.82 -19.64 -6.45
CA TYR B 50 -0.52 -20.13 -5.96
C TYR B 50 -0.72 -21.47 -5.22
N SER B 51 0.08 -22.50 -5.59
CA SER B 51 -0.24 -23.89 -5.21
C SER B 51 -0.02 -24.17 -3.71
N GLN B 52 0.86 -23.40 -3.07
CA GLN B 52 1.25 -23.74 -1.68
C GLN B 52 0.40 -22.99 -0.67
N PRO B 53 -0.18 -23.71 0.28
CA PRO B 53 -0.98 -22.99 1.27
C PRO B 53 -0.11 -22.23 2.34
N PHE B 54 -0.72 -21.31 3.04
CA PHE B 54 -0.13 -20.61 4.15
C PHE B 54 -1.22 -20.42 5.22
N GLN B 55 -0.82 -20.02 6.40
CA GLN B 55 -1.75 -19.80 7.48
C GLN B 55 -1.77 -18.35 7.90
N LEU B 56 -2.93 -17.90 8.41
CA LEU B 56 -3.09 -16.49 8.81
C LEU B 56 -2.95 -16.13 10.29
N ARG B 57 -2.83 -17.10 11.19
CA ARG B 57 -2.73 -16.72 12.63
C ARG B 57 -1.39 -15.98 12.81
N ASP B 58 -1.41 -14.83 13.47
CA ASP B 58 -0.21 -14.11 13.73
C ASP B 58 0.66 -13.86 12.46
N THR B 59 0.04 -13.46 11.39
CA THR B 59 0.74 -13.27 10.10
C THR B 59 0.34 -11.96 9.47
N SER B 60 1.32 -11.27 8.90
CA SER B 60 1.04 -10.22 8.00
C SER B 60 1.48 -10.62 6.63
N PHE B 61 0.94 -9.99 5.57
CA PHE B 61 1.43 -10.25 4.23
C PHE B 61 1.38 -9.01 3.33
N TYR B 62 2.25 -9.06 2.35
CA TYR B 62 2.29 -8.01 1.28
C TYR B 62 2.27 -8.70 -0.06
N THR B 63 1.45 -8.25 -0.99
CA THR B 63 1.51 -8.78 -2.35
C THR B 63 1.30 -7.69 -3.40
N THR B 64 1.96 -7.82 -4.54
CA THR B 64 1.77 -6.86 -5.63
C THR B 64 1.68 -7.61 -6.93
N PHE B 65 0.90 -7.08 -7.88
CA PHE B 65 0.80 -7.66 -9.18
C PHE B 65 0.55 -6.53 -10.22
N THR B 66 0.82 -6.83 -11.48
CA THR B 66 0.46 -5.98 -12.56
C THR B 66 -0.59 -6.68 -13.42
N PHE B 67 -1.46 -5.92 -14.04
CA PHE B 67 -2.57 -6.46 -14.76
C PHE B 67 -3.00 -5.57 -15.92
N VAL B 68 -3.66 -6.21 -16.87
CA VAL B 68 -4.28 -5.56 -18.01
C VAL B 68 -5.67 -6.12 -18.22
N ILE B 69 -6.60 -5.24 -18.48
CA ILE B 69 -7.96 -5.63 -18.92
C ILE B 69 -8.06 -5.26 -20.39
N ARG B 70 -8.28 -6.28 -21.23
CA ARG B 70 -8.55 -6.03 -22.68
C ARG B 70 -10.04 -6.06 -22.93
N THR B 71 -10.58 -4.97 -23.45
CA THR B 71 -12.03 -4.89 -23.76
C THR B 71 -12.21 -4.82 -25.25
N THR B 72 -13.29 -5.42 -25.75
CA THR B 72 -13.60 -5.37 -27.21
C THR B 72 -14.83 -4.54 -27.49
N SER B 73 -15.45 -4.00 -26.44
CA SER B 73 -16.51 -3.05 -26.52
C SER B 73 -16.56 -2.16 -25.33
N ASN B 74 -17.46 -1.20 -25.42
CA ASN B 74 -17.76 -0.30 -24.31
C ASN B 74 -18.63 -0.91 -23.18
N SER B 75 -19.07 -2.15 -23.34
CA SER B 75 -19.92 -2.82 -22.33
C SER B 75 -19.25 -4.12 -21.88
N PRO B 76 -18.01 -3.99 -21.36
CA PRO B 76 -17.35 -5.20 -20.88
C PRO B 76 -17.99 -5.78 -19.58
N ALA B 77 -17.83 -7.08 -19.39
CA ALA B 77 -18.20 -7.75 -18.13
C ALA B 77 -17.34 -8.97 -17.94
N ASP B 78 -16.95 -9.36 -16.68
CA ASP B 78 -17.45 -8.84 -15.39
C ASP B 78 -16.36 -8.30 -14.44
N GLY B 79 -15.12 -8.58 -14.78
CA GLY B 79 -13.97 -8.20 -13.94
C GLY B 79 -13.20 -9.38 -13.43
N PHE B 80 -12.39 -9.08 -12.42
CA PHE B 80 -11.59 -10.06 -11.77
C PHE B 80 -11.34 -9.62 -10.32
N ALA B 81 -10.78 -10.54 -9.59
CA ALA B 81 -10.34 -10.32 -8.19
C ALA B 81 -9.12 -11.10 -7.83
N ILE B 82 -8.35 -10.55 -6.90
CA ILE B 82 -7.36 -11.32 -6.14
C ILE B 82 -8.10 -11.78 -4.86
N PHE B 83 -7.91 -13.02 -4.47
CA PHE B 83 -8.72 -13.57 -3.33
C PHE B 83 -7.94 -14.58 -2.49
N ILE B 84 -8.39 -14.76 -1.24
CA ILE B 84 -7.92 -15.78 -0.37
C ILE B 84 -9.09 -16.71 -0.03
N ALA B 85 -8.80 -17.98 0.01
CA ALA B 85 -9.86 -18.99 0.33
C ALA B 85 -9.25 -20.22 0.96
N PRO B 86 -10.07 -21.04 1.60
CA PRO B 86 -9.56 -22.29 2.16
C PRO B 86 -9.21 -23.29 1.09
N PRO B 87 -8.60 -24.41 1.51
CA PRO B 87 -8.20 -25.43 0.52
C PRO B 87 -9.39 -25.95 -0.27
N ASP B 88 -9.11 -26.32 -1.50
CA ASP B 88 -10.06 -26.93 -2.38
C ASP B 88 -11.29 -26.05 -2.62
N PHE B 89 -11.09 -24.75 -2.53
CA PHE B 89 -12.09 -23.82 -3.00
C PHE B 89 -12.30 -23.99 -4.52
N PRO B 90 -13.53 -24.31 -4.95
CA PRO B 90 -13.84 -24.51 -6.35
C PRO B 90 -14.06 -23.23 -7.17
N VAL B 91 -13.91 -23.31 -8.48
CA VAL B 91 -14.37 -22.26 -9.38
C VAL B 91 -15.93 -22.24 -9.24
N LYS B 92 -16.45 -21.09 -8.78
CA LYS B 92 -17.87 -20.82 -8.70
C LYS B 92 -18.47 -20.15 -9.96
N ARG B 93 -19.59 -19.43 -9.84
CA ARG B 93 -20.30 -19.00 -11.00
C ARG B 93 -19.67 -17.88 -11.78
N TYR B 94 -19.78 -17.98 -13.10
CA TYR B 94 -19.40 -16.94 -14.09
C TYR B 94 -20.28 -15.73 -13.98
N GLY B 95 -20.09 -14.72 -14.80
CA GLY B 95 -20.95 -13.54 -14.69
C GLY B 95 -20.56 -12.68 -13.51
N GLY B 96 -21.52 -11.93 -12.93
CA GLY B 96 -21.20 -11.00 -11.95
C GLY B 96 -20.72 -11.58 -10.62
N TYR B 97 -20.84 -12.91 -10.50
CA TYR B 97 -20.34 -13.65 -9.33
C TYR B 97 -18.84 -13.80 -9.31
N LEU B 98 -18.22 -13.33 -10.38
CA LEU B 98 -16.74 -13.28 -10.46
C LEU B 98 -16.00 -14.56 -10.24
N GLY B 99 -16.61 -15.74 -10.49
CA GLY B 99 -15.97 -17.02 -10.16
C GLY B 99 -15.86 -17.33 -8.67
N LEU B 100 -16.47 -16.56 -7.78
CA LEU B 100 -16.21 -16.66 -6.32
C LEU B 100 -17.47 -16.92 -5.48
N PHE B 101 -18.68 -16.82 -6.10
CA PHE B 101 -19.94 -17.01 -5.40
C PHE B 101 -20.93 -17.86 -6.23
N GLU B 102 -21.96 -18.43 -5.58
CA GLU B 102 -23.08 -19.07 -6.23
C GLU B 102 -24.31 -18.21 -6.03
N PRO B 103 -25.25 -18.25 -7.01
CA PRO B 103 -26.39 -17.33 -6.90
C PRO B 103 -27.17 -17.41 -5.63
N ASN B 104 -27.42 -18.59 -5.11
CA ASN B 104 -28.31 -18.62 -3.97
C ASN B 104 -27.77 -18.11 -2.62
N THR B 105 -26.46 -17.92 -2.52
CA THR B 105 -25.81 -17.55 -1.29
C THR B 105 -24.82 -16.39 -1.50
N ALA B 106 -24.86 -15.74 -2.64
CA ALA B 106 -23.80 -14.75 -3.02
C ALA B 106 -23.80 -13.58 -2.01
N THR B 107 -24.93 -13.26 -1.38
CA THR B 107 -24.95 -12.10 -0.45
C THR B 107 -24.97 -12.54 1.01
N ASN B 108 -24.83 -13.84 1.29
CA ASN B 108 -25.02 -14.38 2.60
C ASN B 108 -23.68 -14.57 3.29
N THR B 109 -23.33 -13.67 4.21
CA THR B 109 -21.98 -13.74 4.88
C THR B 109 -21.82 -14.92 5.80
N SER B 110 -22.92 -15.64 6.08
CA SER B 110 -22.86 -16.81 6.90
C SER B 110 -22.65 -18.04 6.06
N ALA B 111 -22.60 -17.94 4.69
CA ALA B 111 -22.52 -19.08 3.80
C ALA B 111 -21.30 -19.05 2.82
N ASN B 112 -20.36 -18.15 3.06
CA ASN B 112 -19.19 -18.03 2.25
C ASN B 112 -18.00 -17.81 3.13
N LYS B 113 -16.87 -18.29 2.67
CA LYS B 113 -15.52 -18.08 3.29
C LYS B 113 -14.53 -17.74 2.23
N VAL B 114 -14.48 -16.44 1.93
CA VAL B 114 -13.67 -15.93 0.82
C VAL B 114 -13.51 -14.42 1.06
N VAL B 115 -12.25 -13.96 0.90
CA VAL B 115 -11.96 -12.53 1.00
C VAL B 115 -11.25 -12.07 -0.24
N ALA B 116 -11.69 -10.93 -0.80
CA ALA B 116 -11.21 -10.57 -2.11
C ALA B 116 -11.04 -9.04 -2.24
N VAL B 117 -10.19 -8.67 -3.23
CA VAL B 117 -10.15 -7.29 -3.76
C VAL B 117 -10.59 -7.41 -5.20
N GLU B 118 -11.77 -6.85 -5.51
CA GLU B 118 -12.38 -7.00 -6.84
C GLU B 118 -12.21 -5.74 -7.70
N PHE B 119 -12.13 -5.96 -8.99
CA PHE B 119 -12.05 -4.94 -10.04
C PHE B 119 -13.24 -5.22 -10.94
N ASP B 120 -14.30 -4.45 -10.76
CA ASP B 120 -15.65 -4.81 -11.25
C ASP B 120 -16.04 -3.91 -12.41
N THR B 121 -16.13 -4.52 -13.60
CA THR B 121 -16.35 -3.77 -14.85
C THR B 121 -17.83 -3.66 -15.21
N TRP B 122 -18.73 -4.39 -14.49
CA TRP B 122 -20.11 -4.43 -14.94
C TRP B 122 -21.03 -4.13 -13.73
N VAL B 123 -21.80 -3.08 -13.83
CA VAL B 123 -22.76 -2.73 -12.81
C VAL B 123 -23.94 -3.74 -12.79
N ASN B 124 -24.05 -4.47 -11.67
CA ASN B 124 -25.11 -5.46 -11.46
C ASN B 124 -26.23 -4.84 -10.67
N THR B 125 -27.44 -5.15 -11.08
CA THR B 125 -28.60 -4.76 -10.27
C THR B 125 -29.21 -5.91 -9.54
N GLU B 126 -28.71 -7.12 -9.75
CA GLU B 126 -29.21 -8.29 -9.03
C GLU B 126 -28.89 -8.35 -7.52
N TRP B 127 -27.94 -7.53 -7.11
CA TRP B 127 -27.53 -7.27 -5.72
C TRP B 127 -27.07 -5.80 -5.65
N LYS B 128 -26.87 -5.31 -4.43
CA LYS B 128 -26.49 -3.91 -4.21
C LYS B 128 -25.02 -3.68 -4.65
N GLU B 129 -24.80 -2.80 -5.61
CA GLU B 129 -23.44 -2.27 -5.81
C GLU B 129 -23.56 -0.91 -6.43
N PRO B 130 -22.45 -0.15 -6.44
CA PRO B 130 -22.58 1.22 -7.00
C PRO B 130 -23.03 1.25 -8.45
N ARG B 131 -23.57 2.40 -8.84
CA ARG B 131 -24.00 2.62 -10.24
C ARG B 131 -22.91 2.87 -11.28
N TYR B 132 -21.64 2.68 -10.89
CA TYR B 132 -20.51 2.93 -11.73
C TYR B 132 -19.55 1.78 -11.50
N ARG B 133 -18.61 1.60 -12.42
CA ARG B 133 -17.54 0.62 -12.25
C ARG B 133 -16.77 0.97 -10.99
N HIS B 134 -16.24 -0.07 -10.33
CA HIS B 134 -15.72 0.13 -8.96
C HIS B 134 -14.68 -0.89 -8.62
N ILE B 135 -13.81 -0.57 -7.66
CA ILE B 135 -12.89 -1.50 -6.97
C ILE B 135 -13.42 -1.65 -5.56
N GLY B 136 -13.41 -2.90 -5.04
CA GLY B 136 -14.02 -3.17 -3.77
C GLY B 136 -13.30 -4.20 -2.94
N ILE B 137 -13.48 -4.16 -1.62
CA ILE B 137 -13.05 -5.25 -0.75
C ILE B 137 -14.28 -6.04 -0.41
N ASP B 138 -14.17 -7.34 -0.62
CA ASP B 138 -15.29 -8.29 -0.42
C ASP B 138 -14.95 -9.18 0.80
N VAL B 139 -15.87 -9.32 1.76
CA VAL B 139 -15.69 -10.24 2.87
C VAL B 139 -16.92 -11.13 2.93
N ASN B 140 -16.75 -12.31 2.38
CA ASN B 140 -17.82 -13.35 2.48
C ASN B 140 -19.12 -12.95 1.76
N SER B 141 -19.06 -12.05 0.81
CA SER B 141 -20.27 -11.58 0.10
C SER B 141 -19.85 -10.89 -1.17
N ILE B 142 -20.64 -11.05 -2.24
CA ILE B 142 -20.50 -10.22 -3.44
C ILE B 142 -20.81 -8.74 -3.28
N VAL B 143 -21.49 -8.33 -2.22
CA VAL B 143 -21.73 -6.94 -1.89
C VAL B 143 -20.51 -6.44 -1.09
N SER B 144 -19.71 -5.59 -1.73
CA SER B 144 -18.45 -5.16 -1.12
C SER B 144 -18.67 -4.37 0.17
N VAL B 145 -17.85 -4.62 1.20
CA VAL B 145 -17.94 -3.92 2.45
C VAL B 145 -17.27 -2.51 2.39
N ARG B 146 -16.39 -2.32 1.42
CA ARG B 146 -15.69 -1.01 1.14
C ARG B 146 -15.57 -0.95 -0.37
N VAL B 147 -16.01 0.13 -0.97
CA VAL B 147 -16.11 0.17 -2.39
C VAL B 147 -15.87 1.61 -2.89
N THR B 148 -15.24 1.71 -4.05
CA THR B 148 -14.87 3.05 -4.56
C THR B 148 -14.98 3.09 -6.10
N ARG B 149 -15.28 4.27 -6.62
CA ARG B 149 -15.44 4.42 -8.04
C ARG B 149 -14.14 4.13 -8.77
N TRP B 150 -14.21 3.38 -9.85
CA TRP B 150 -13.04 3.09 -10.70
C TRP B 150 -13.29 3.87 -11.98
N GLN B 151 -12.40 4.79 -12.32
CA GLN B 151 -12.73 5.73 -13.35
C GLN B 151 -12.64 5.02 -14.68
N ASP B 152 -13.57 5.32 -15.59
CA ASP B 152 -13.54 4.69 -16.91
C ASP B 152 -12.26 4.91 -17.72
N LYS B 153 -11.64 6.09 -17.60
CA LYS B 153 -10.37 6.34 -18.27
C LYS B 153 -9.31 5.28 -17.93
N ASP B 154 -9.27 4.89 -16.65
CA ASP B 154 -8.43 3.79 -16.19
C ASP B 154 -8.93 2.40 -16.66
N VAL B 155 -10.24 2.14 -16.53
CA VAL B 155 -10.78 0.82 -16.98
C VAL B 155 -10.34 0.51 -18.43
N PHE B 156 -10.49 1.53 -19.31
CA PHE B 156 -10.31 1.32 -20.74
C PHE B 156 -8.94 1.71 -21.23
N SER B 157 -8.00 1.93 -20.31
CA SER B 157 -6.69 2.49 -20.70
C SER B 157 -5.81 1.54 -21.46
N ARG B 158 -6.02 0.24 -21.30
CA ARG B 158 -5.11 -0.73 -21.91
C ARG B 158 -3.72 -0.67 -21.30
N SER B 159 -3.61 0.01 -20.17
CA SER B 159 -2.37 0.12 -19.49
C SER B 159 -2.06 -1.07 -18.66
N ILE B 160 -0.77 -1.28 -18.40
CA ILE B 160 -0.39 -2.22 -17.39
C ILE B 160 -0.51 -1.44 -16.04
N ALA B 161 -1.51 -1.83 -15.22
CA ALA B 161 -1.74 -1.26 -13.97
C ALA B 161 -1.10 -2.09 -12.86
N THR B 162 -0.91 -1.47 -11.70
CA THR B 162 -0.35 -2.09 -10.51
C THR B 162 -1.27 -2.03 -9.32
N ALA B 163 -1.34 -3.17 -8.65
CA ALA B 163 -2.06 -3.31 -7.39
C ALA B 163 -1.07 -3.73 -6.32
N HIS B 164 -1.24 -3.17 -5.14
CA HIS B 164 -0.55 -3.53 -3.87
C HIS B 164 -1.61 -3.93 -2.83
N VAL B 165 -1.57 -5.14 -2.29
CA VAL B 165 -2.54 -5.53 -1.26
C VAL B 165 -1.77 -5.99 -0.07
N GLY B 166 -2.11 -5.46 1.08
CA GLY B 166 -1.42 -5.74 2.32
C GLY B 166 -2.37 -6.07 3.42
N TYR B 167 -1.92 -6.94 4.33
CA TYR B 167 -2.68 -7.29 5.54
C TYR B 167 -1.75 -7.15 6.74
N ASP B 168 -2.20 -6.28 7.65
CA ASP B 168 -1.52 -6.03 8.90
C ASP B 168 -2.19 -6.93 9.96
N GLY B 169 -1.48 -7.96 10.36
CA GLY B 169 -2.04 -8.91 11.30
C GLY B 169 -2.11 -8.47 12.76
N ILE B 170 -1.43 -7.36 13.13
CA ILE B 170 -1.60 -6.83 14.49
C ILE B 170 -2.86 -5.98 14.52
N SER B 171 -3.01 -5.04 13.56
CA SER B 171 -4.18 -4.12 13.59
C SER B 171 -5.46 -4.78 12.94
N LYS B 172 -5.28 -5.90 12.23
CA LYS B 172 -6.36 -6.62 11.52
C LYS B 172 -6.95 -5.80 10.42
N ILE B 173 -6.10 -5.30 9.49
CA ILE B 173 -6.52 -4.35 8.45
C ILE B 173 -6.00 -4.85 7.11
N LEU B 174 -6.90 -5.02 6.17
CA LEU B 174 -6.60 -5.29 4.80
C LEU B 174 -6.71 -3.97 3.97
N THR B 175 -5.66 -3.74 3.21
CA THR B 175 -5.56 -2.50 2.37
C THR B 175 -5.16 -2.81 0.93
N ALA B 176 -5.78 -2.12 -0.06
CA ALA B 176 -5.40 -2.11 -1.44
C ALA B 176 -5.03 -0.67 -1.87
N PHE B 177 -3.90 -0.58 -2.53
CA PHE B 177 -3.49 0.58 -3.32
C PHE B 177 -3.43 0.17 -4.78
N VAL B 178 -4.11 0.86 -5.68
CA VAL B 178 -4.13 0.58 -7.13
C VAL B 178 -3.67 1.83 -7.87
N THR B 179 -2.70 1.64 -8.74
CA THR B 179 -2.13 2.74 -9.49
C THR B 179 -2.11 2.50 -10.99
N TYR B 180 -2.34 3.58 -11.77
CA TYR B 180 -2.26 3.57 -13.21
C TYR B 180 -1.23 4.54 -13.67
N PRO B 181 -0.42 4.16 -14.67
CA PRO B 181 0.61 5.14 -15.03
C PRO B 181 -0.01 6.33 -15.72
N ASP B 182 0.31 7.54 -15.26
CA ASP B 182 -0.43 8.70 -15.73
C ASP B 182 -1.97 8.63 -15.61
N GLY B 183 -2.50 7.82 -14.68
CA GLY B 183 -3.95 7.82 -14.42
C GLY B 183 -4.22 7.85 -12.91
N GLY B 184 -5.32 7.19 -12.54
CA GLY B 184 -5.87 7.30 -11.23
C GLY B 184 -5.07 6.46 -10.24
N ASN B 185 -5.12 6.91 -8.99
CA ASN B 185 -4.67 6.12 -7.80
C ASN B 185 -5.85 5.85 -6.90
N TYR B 186 -5.91 4.66 -6.30
CA TYR B 186 -7.06 4.25 -5.50
C TYR B 186 -6.56 3.65 -4.21
N VAL B 187 -7.23 4.02 -3.11
CA VAL B 187 -6.88 3.61 -1.75
C VAL B 187 -8.14 3.02 -1.06
N LEU B 188 -8.11 1.75 -0.69
CA LEU B 188 -9.15 1.15 0.13
C LEU B 188 -8.65 0.32 1.24
N SER B 189 -9.29 0.49 2.38
CA SER B 189 -8.92 -0.24 3.63
C SER B 189 -10.13 -0.67 4.41
N HIS B 190 -9.97 -1.81 5.10
CA HIS B 190 -11.01 -2.40 5.90
C HIS B 190 -10.46 -3.18 7.08
N VAL B 191 -11.12 -2.99 8.20
CA VAL B 191 -10.81 -3.77 9.43
C VAL B 191 -11.52 -5.17 9.32
N VAL B 192 -10.72 -6.22 9.24
CA VAL B 192 -11.22 -7.62 9.26
C VAL B 192 -10.20 -8.54 9.86
N ASP B 193 -10.63 -9.36 10.81
CA ASP B 193 -9.71 -10.30 11.47
C ASP B 193 -9.72 -11.59 10.61
N LEU B 194 -8.68 -11.75 9.79
CA LEU B 194 -8.68 -12.82 8.82
C LEU B 194 -8.48 -14.19 9.50
N ALA B 195 -7.67 -14.23 10.56
CA ALA B 195 -7.46 -15.50 11.27
C ALA B 195 -8.79 -16.06 11.85
N GLU B 196 -9.73 -15.20 12.21
CA GLU B 196 -11.04 -15.63 12.70
C GLU B 196 -11.89 -16.26 11.58
N ILE B 197 -11.75 -15.74 10.36
CA ILE B 197 -12.45 -16.30 9.24
C ILE B 197 -11.82 -17.60 8.78
N PHE B 198 -10.50 -17.62 8.74
CA PHE B 198 -9.73 -18.72 8.19
C PHE B 198 -8.84 -19.33 9.27
N PRO B 199 -9.32 -20.36 9.94
CA PRO B 199 -8.51 -20.89 11.07
C PRO B 199 -7.46 -21.85 10.68
N GLY B 200 -7.40 -22.26 9.41
CA GLY B 200 -6.43 -23.25 8.99
C GLY B 200 -5.68 -22.79 7.78
N ASP B 201 -5.53 -23.64 6.79
CA ASP B 201 -4.81 -23.25 5.61
C ASP B 201 -5.61 -22.33 4.71
N VAL B 202 -4.90 -21.46 3.99
CA VAL B 202 -5.50 -20.72 2.90
C VAL B 202 -4.58 -20.73 1.66
N ARG B 203 -5.18 -20.42 0.50
CA ARG B 203 -4.37 -20.13 -0.71
C ARG B 203 -4.78 -18.80 -1.28
N ILE B 204 -3.81 -18.16 -1.91
CA ILE B 204 -4.06 -16.86 -2.62
C ILE B 204 -4.01 -16.99 -4.15
N GLY B 205 -4.79 -16.22 -4.89
CA GLY B 205 -4.85 -16.36 -6.34
C GLY B 205 -5.79 -15.36 -6.96
N PHE B 206 -6.15 -15.59 -8.21
CA PHE B 206 -6.98 -14.66 -8.98
C PHE B 206 -8.15 -15.43 -9.52
N SER B 207 -9.28 -14.78 -9.58
CA SER B 207 -10.49 -15.31 -10.24
C SER B 207 -10.98 -14.25 -11.24
N GLY B 208 -11.30 -14.65 -12.46
CA GLY B 208 -11.82 -13.71 -13.52
C GLY B 208 -13.12 -14.32 -14.07
N ALA B 209 -14.01 -13.48 -14.57
CA ALA B 209 -15.24 -13.98 -15.13
C ALA B 209 -15.72 -13.11 -16.28
N THR B 210 -16.39 -13.78 -17.22
CA THR B 210 -17.27 -13.09 -18.19
C THR B 210 -18.73 -13.63 -17.97
N GLY B 211 -19.77 -12.97 -18.48
CA GLY B 211 -19.63 -11.70 -19.15
C GLY B 211 -19.51 -11.70 -20.68
N GLN B 212 -18.81 -10.72 -21.16
CA GLN B 212 -18.74 -10.39 -22.60
C GLN B 212 -17.63 -9.40 -22.87
N TYR B 213 -16.96 -9.56 -24.00
CA TYR B 213 -16.13 -8.49 -24.54
C TYR B 213 -14.92 -8.10 -23.65
N GLU B 214 -14.42 -9.08 -22.87
CA GLU B 214 -13.38 -8.77 -21.86
C GLU B 214 -12.58 -10.01 -21.59
N THR B 215 -11.28 -9.79 -21.51
CA THR B 215 -10.31 -10.76 -21.00
C THR B 215 -9.40 -10.02 -19.97
N GLN B 216 -9.02 -10.74 -18.94
CA GLN B 216 -8.26 -10.15 -17.77
C GLN B 216 -6.92 -10.91 -17.73
N TYR B 217 -5.83 -10.15 -17.67
CA TYR B 217 -4.49 -10.74 -17.71
C TYR B 217 -3.65 -10.30 -16.51
N ILE B 218 -2.97 -11.23 -15.88
CA ILE B 218 -2.01 -10.89 -14.84
C ILE B 218 -0.60 -11.04 -15.41
N HIS B 219 0.15 -9.98 -15.38
CA HIS B 219 1.51 -9.93 -15.98
C HIS B 219 2.66 -10.22 -15.11
N SER B 220 2.55 -9.94 -13.82
CA SER B 220 3.62 -10.20 -12.86
C SER B 220 2.97 -10.33 -11.48
N TRP B 221 3.68 -10.89 -10.51
CA TRP B 221 3.14 -11.13 -9.20
C TRP B 221 4.17 -11.59 -8.19
N SER B 222 4.19 -10.92 -7.05
CA SER B 222 5.02 -11.30 -5.93
C SER B 222 4.30 -11.21 -4.60
N PHE B 223 4.80 -11.93 -3.59
CA PHE B 223 4.12 -12.14 -2.31
C PHE B 223 5.13 -12.47 -1.23
N SER B 224 4.94 -11.88 -0.09
CA SER B 224 5.70 -12.30 1.14
C SER B 224 4.74 -12.24 2.34
N SER B 225 4.85 -13.22 3.24
CA SER B 225 4.14 -13.27 4.48
C SER B 225 5.19 -13.49 5.58
N THR B 226 4.96 -12.87 6.70
CA THR B 226 5.83 -13.01 7.90
C THR B 226 5.00 -13.11 9.18
N SER B 227 5.63 -13.66 10.19
CA SER B 227 5.01 -13.83 11.49
C SER B 227 4.97 -12.49 12.17
N THR B 228 3.91 -12.21 12.89
CA THR B 228 3.88 -11.02 13.72
C THR B 228 4.45 -11.32 15.13
N ASN B 229 4.92 -12.55 15.39
CA ASN B 229 5.76 -12.80 16.62
C ASN B 229 7.06 -11.98 16.59
#